data_2VEB
#
_entry.id   2VEB
#
_cell.length_a   80.059
_cell.length_b   49.271
_cell.length_c   51.513
_cell.angle_alpha   90.00
_cell.angle_beta   92.88
_cell.angle_gamma   90.00
#
_symmetry.space_group_name_H-M   'C 1 2 1'
#
loop_
_entity.id
_entity.type
_entity.pdbx_description
1 polymer PROTOGLOBIN
2 non-polymer 'PROTOPORPHYRIN IX CONTAINING FE'
3 non-polymer 'PHOSPHATE ION'
4 non-polymer GLYCEROL
5 non-polymer 'OXYGEN MOLECULE'
6 water water
#
_entity_poly.entity_id   1
_entity_poly.type   'polypeptide(L)'
_entity_poly.pdbx_seq_one_letter_code
;MSVEKIPGYTYGETENRAPFNLEDLKLLKEAVMFTAEDEEYIQKAGEVLEDQVEEILDTWYGFVGSHPHLLYYFTSPDGT
PNEKYLAAVRKRFSRWILDTSNRSYDQAWLDYQYEIGLRHHRTKKNQTDNVESVPNIGYRYLVAFIYPITATMKPFLARK
GHTPEEVEKMYQAWFKATTLQVALWSYPYVKYGDF
;
_entity_poly.pdbx_strand_id   A
#
loop_
_chem_comp.id
_chem_comp.type
_chem_comp.name
_chem_comp.formula
GOL non-polymer GLYCEROL 'C3 H8 O3'
HEM non-polymer 'PROTOPORPHYRIN IX CONTAINING FE' 'C34 H32 Fe N4 O4'
OXY non-polymer 'OXYGEN MOLECULE' O2
PO4 non-polymer 'PHOSPHATE ION' 'O4 P -3'
#
# COMPACT_ATOMS: atom_id res chain seq x y z
N ILE A 6 -14.80 3.21 -7.92
CA ILE A 6 -14.01 3.72 -6.77
C ILE A 6 -13.39 5.06 -7.18
N PRO A 7 -13.93 6.18 -6.66
CA PRO A 7 -13.40 7.46 -7.10
C PRO A 7 -11.88 7.58 -6.88
N GLY A 8 -11.20 8.04 -7.92
CA GLY A 8 -9.78 8.30 -7.90
C GLY A 8 -8.93 7.08 -8.20
N TYR A 9 -9.52 5.89 -8.27
CA TYR A 9 -8.75 4.67 -8.49
C TYR A 9 -8.50 4.49 -9.98
N THR A 10 -7.24 4.58 -10.39
CA THR A 10 -6.90 4.63 -11.80
C THR A 10 -5.91 3.53 -12.21
N TYR A 11 -5.94 2.42 -11.48
CA TYR A 11 -5.07 1.28 -11.78
C TYR A 11 -5.26 0.84 -13.23
N GLY A 12 -4.17 0.69 -13.97
CA GLY A 12 -4.22 0.19 -15.34
C GLY A 12 -4.64 1.22 -16.35
N GLU A 13 -4.82 2.47 -15.94
CA GLU A 13 -5.29 3.52 -16.84
C GLU A 13 -4.67 4.86 -16.50
N THR A 14 -3.49 4.85 -15.90
CA THR A 14 -2.77 6.11 -15.72
C THR A 14 -2.26 6.68 -17.05
N GLU A 15 -2.03 5.79 -18.03
CA GLU A 15 -1.43 6.13 -19.32
C GLU A 15 -0.04 6.77 -19.17
N ASN A 16 0.62 6.48 -18.05
CA ASN A 16 1.97 6.95 -17.79
C ASN A 16 2.87 5.77 -17.45
N ARG A 17 3.90 5.59 -18.26
CA ARG A 17 4.88 4.53 -18.01
C ARG A 17 5.81 4.96 -16.87
N ALA A 18 5.89 4.14 -15.83
CA ALA A 18 6.74 4.41 -14.66
C ALA A 18 8.21 4.51 -15.03
N PRO A 19 9.02 5.19 -14.20
CA PRO A 19 10.46 5.25 -14.46
C PRO A 19 11.18 3.96 -14.12
N PHE A 20 10.46 2.92 -13.71
CA PHE A 20 11.05 1.60 -13.47
C PHE A 20 10.29 0.54 -14.29
N ASN A 21 11.03 -0.46 -14.75
CA ASN A 21 10.51 -1.48 -15.65
C ASN A 21 10.62 -2.88 -15.03
N LEU A 22 10.33 -3.92 -15.82
CA LEU A 22 10.31 -5.26 -15.31
C LEU A 22 11.67 -5.78 -14.90
N GLU A 23 12.73 -5.28 -15.53
CA GLU A 23 14.08 -5.66 -15.10
C GLU A 23 14.37 -5.06 -13.72
N ASP A 24 14.01 -3.80 -13.51
CA ASP A 24 14.14 -3.21 -12.18
C ASP A 24 13.36 -4.03 -11.18
N LEU A 25 12.15 -4.43 -11.53
CA LEU A 25 11.33 -5.21 -10.61
C LEU A 25 11.95 -6.57 -10.29
N LYS A 26 12.51 -7.22 -11.32
CA LYS A 26 13.18 -8.50 -11.10
C LYS A 26 14.28 -8.35 -10.04
N LEU A 27 15.10 -7.32 -10.18
CA LEU A 27 16.21 -7.12 -9.25
C LEU A 27 15.73 -6.76 -7.84
N LEU A 28 14.66 -5.97 -7.76
CA LEU A 28 14.09 -5.63 -6.48
C LEU A 28 13.45 -6.83 -5.79
N LYS A 29 12.74 -7.68 -6.56
CA LYS A 29 12.22 -8.93 -6.01
C LYS A 29 13.32 -9.82 -5.47
N GLU A 30 14.45 -9.86 -6.17
CA GLU A 30 15.57 -10.67 -5.69
C GLU A 30 16.09 -10.13 -4.35
N ALA A 31 16.16 -8.80 -4.21
CA ALA A 31 16.67 -8.18 -2.99
C ALA A 31 15.74 -8.43 -1.80
N VAL A 32 14.43 -8.46 -2.03
CA VAL A 32 13.46 -8.72 -0.96
C VAL A 32 13.13 -10.21 -0.79
N MET A 33 13.75 -11.08 -1.59
CA MET A 33 13.58 -12.54 -1.51
C MET A 33 12.17 -13.00 -1.91
N PHE A 34 11.55 -12.27 -2.83
CA PHE A 34 10.20 -12.60 -3.33
C PHE A 34 10.37 -13.52 -4.54
N THR A 35 9.71 -14.67 -4.51
CA THR A 35 9.83 -15.68 -5.58
C THR A 35 8.43 -16.13 -6.01
N ALA A 36 8.39 -17.05 -6.96
CA ALA A 36 7.15 -17.68 -7.38
C ALA A 36 6.39 -18.31 -6.22
N GLU A 37 7.11 -18.78 -5.20
CA GLU A 37 6.44 -19.32 -4.01
C GLU A 37 5.60 -18.23 -3.31
N ASP A 38 6.15 -17.03 -3.20
CA ASP A 38 5.41 -15.91 -2.59
C ASP A 38 4.25 -15.47 -3.45
N GLU A 39 4.41 -15.51 -4.77
CA GLU A 39 3.27 -15.22 -5.65
C GLU A 39 2.11 -16.17 -5.36
N GLU A 40 2.42 -17.45 -5.22
CA GLU A 40 1.40 -18.45 -4.93
C GLU A 40 0.64 -18.09 -3.65
N TYR A 41 1.40 -17.80 -2.60
CA TYR A 41 0.81 -17.62 -1.29
C TYR A 41 0.17 -16.26 -1.06
N ILE A 42 0.68 -15.23 -1.72
CA ILE A 42 0.01 -13.93 -1.63
C ILE A 42 -1.35 -14.03 -2.32
N GLN A 43 -1.43 -14.83 -3.40
CA GLN A 43 -2.68 -15.05 -4.12
C GLN A 43 -3.66 -15.84 -3.27
N LYS A 44 -3.17 -16.79 -2.48
CA LYS A 44 -4.05 -17.54 -1.57
C LYS A 44 -4.58 -16.65 -0.46
N ALA A 45 -3.79 -15.64 -0.08
CA ALA A 45 -4.24 -14.63 0.87
C ALA A 45 -5.48 -13.89 0.36
N GLY A 46 -5.62 -13.81 -0.97
CA GLY A 46 -6.80 -13.28 -1.68
C GLY A 46 -8.14 -13.64 -1.07
N GLU A 47 -8.51 -14.92 -1.23
CA GLU A 47 -9.77 -15.47 -0.75
C GLU A 47 -9.89 -15.28 0.75
N VAL A 48 -8.75 -15.38 1.45
CA VAL A 48 -8.73 -15.25 2.90
C VAL A 48 -9.11 -13.85 3.38
N LEU A 49 -8.55 -12.82 2.73
CA LEU A 49 -8.73 -11.44 3.17
C LEU A 49 -9.93 -10.73 2.56
N GLU A 50 -10.45 -11.26 1.45
CA GLU A 50 -11.53 -10.63 0.68
C GLU A 50 -12.66 -10.09 1.56
N ASP A 51 -13.18 -10.93 2.46
CA ASP A 51 -14.34 -10.58 3.31
C ASP A 51 -13.97 -9.79 4.56
N GLN A 52 -12.68 -9.57 4.79
CA GLN A 52 -12.21 -8.98 6.04
C GLN A 52 -11.68 -7.56 5.89
N VAL A 53 -11.77 -7.01 4.69
CA VAL A 53 -11.09 -5.77 4.38
C VAL A 53 -11.61 -4.58 5.21
N GLU A 54 -12.90 -4.57 5.55
CA GLU A 54 -13.44 -3.48 6.37
C GLU A 54 -12.84 -3.53 7.78
N GLU A 55 -12.68 -4.74 8.33
CA GLU A 55 -12.11 -4.91 9.67
C GLU A 55 -10.62 -4.57 9.67
N ILE A 56 -9.93 -4.91 8.58
CA ILE A 56 -8.52 -4.56 8.45
C ILE A 56 -8.36 -3.03 8.43
N LEU A 57 -9.15 -2.36 7.60
CA LEU A 57 -9.11 -0.90 7.58
C LEU A 57 -9.55 -0.24 8.89
N ASP A 58 -10.49 -0.84 9.60
CA ASP A 58 -10.83 -0.35 10.95
C ASP A 58 -9.59 -0.36 11.84
N THR A 59 -8.79 -1.41 11.73
CA THR A 59 -7.58 -1.55 12.53
C THR A 59 -6.55 -0.49 12.14
N TRP A 60 -6.31 -0.35 10.85
CA TRP A 60 -5.31 0.58 10.34
C TRP A 60 -5.73 2.03 10.59
N TYR A 61 -6.97 2.37 10.26
CA TYR A 61 -7.47 3.73 10.54
C TYR A 61 -7.53 4.00 12.04
N GLY A 62 -7.76 2.96 12.84
CA GLY A 62 -7.75 3.08 14.29
C GLY A 62 -6.35 3.47 14.80
N PHE A 63 -5.33 2.81 14.25
CA PHE A 63 -3.95 3.12 14.58
C PHE A 63 -3.59 4.55 14.20
N VAL A 64 -3.88 4.92 12.96
CA VAL A 64 -3.62 6.30 12.51
C VAL A 64 -4.39 7.31 13.37
N GLY A 65 -5.67 7.05 13.60
CA GLY A 65 -6.53 8.00 14.33
C GLY A 65 -6.16 8.22 15.78
N SER A 66 -5.48 7.25 16.38
CA SER A 66 -5.13 7.35 17.81
C SER A 66 -3.81 8.09 18.04
N HIS A 67 -3.16 8.48 16.96
CA HIS A 67 -1.88 9.18 17.01
C HIS A 67 -1.98 10.53 16.30
N PRO A 68 -2.13 11.64 17.06
CA PRO A 68 -2.26 12.95 16.40
C PRO A 68 -1.23 13.26 15.32
N HIS A 69 0.01 12.83 15.51
CA HIS A 69 1.06 13.12 14.54
C HIS A 69 0.94 12.28 13.27
N LEU A 70 0.12 11.23 13.30
CA LEU A 70 -0.15 10.45 12.09
C LEU A 70 -1.45 10.91 11.46
N LEU A 71 -2.49 11.10 12.30
CA LEU A 71 -3.76 11.59 11.79
C LEU A 71 -3.58 12.95 11.09
N TYR A 72 -2.57 13.69 11.53
CA TYR A 72 -2.12 14.91 10.89
C TYR A 72 -2.19 14.87 9.36
N TYR A 73 -1.76 13.76 8.76
CA TYR A 73 -1.67 13.71 7.30
C TYR A 73 -3.00 13.75 6.56
N PHE A 74 -4.09 13.54 7.30
CA PHE A 74 -5.46 13.58 6.78
C PHE A 74 -6.21 14.84 7.25
N THR A 75 -5.52 15.77 7.91
CA THR A 75 -6.21 16.92 8.50
C THR A 75 -6.39 18.08 7.55
N SER A 76 -7.47 18.83 7.79
CA SER A 76 -7.67 20.12 7.19
C SER A 76 -6.71 21.13 7.83
N PRO A 77 -6.52 22.31 7.20
CA PRO A 77 -5.62 23.31 7.79
C PRO A 77 -5.92 23.64 9.25
N ASP A 78 -7.20 23.58 9.64
CA ASP A 78 -7.60 23.93 11.00
C ASP A 78 -7.25 22.85 12.02
N GLY A 79 -6.64 21.75 11.57
CA GLY A 79 -6.18 20.71 12.47
C GLY A 79 -7.16 19.59 12.70
N THR A 80 -8.37 19.69 12.13
CA THR A 80 -9.37 18.66 12.33
C THR A 80 -9.27 17.64 11.18
N PRO A 81 -9.60 16.37 11.43
CA PRO A 81 -9.54 15.40 10.31
C PRO A 81 -10.52 15.76 9.21
N ASN A 82 -10.09 15.65 7.95
CA ASN A 82 -10.99 15.85 6.83
C ASN A 82 -11.69 14.51 6.55
N GLU A 83 -12.98 14.44 6.93
CA GLU A 83 -13.72 13.18 6.86
C GLU A 83 -13.95 12.71 5.43
N LYS A 84 -14.11 13.64 4.50
CA LYS A 84 -14.29 13.31 3.07
C LYS A 84 -13.02 12.64 2.55
N TYR A 85 -11.88 13.21 2.92
CA TYR A 85 -10.57 12.70 2.51
C TYR A 85 -10.37 11.28 3.07
N LEU A 86 -10.58 11.12 4.36
CA LEU A 86 -10.45 9.80 4.99
C LEU A 86 -11.30 8.75 4.31
N ALA A 87 -12.55 9.10 4.01
CA ALA A 87 -13.47 8.11 3.44
C ALA A 87 -13.09 7.73 2.01
N ALA A 88 -12.67 8.70 1.21
CA ALA A 88 -12.31 8.46 -0.18
C ALA A 88 -11.04 7.61 -0.26
N VAL A 89 -10.07 7.93 0.59
CA VAL A 89 -8.82 7.17 0.63
C VAL A 89 -9.07 5.75 1.10
N ARG A 90 -9.97 5.59 2.07
CA ARG A 90 -10.28 4.29 2.62
C ARG A 90 -10.71 3.30 1.53
N LYS A 91 -11.51 3.77 0.58
CA LYS A 91 -11.96 2.89 -0.50
C LYS A 91 -10.79 2.42 -1.38
N ARG A 92 -9.84 3.32 -1.63
CA ARG A 92 -8.67 2.95 -2.43
C ARG A 92 -7.69 2.08 -1.64
N PHE A 93 -7.57 2.31 -0.35
CA PHE A 93 -6.67 1.54 0.51
C PHE A 93 -7.21 0.10 0.65
N SER A 94 -8.53 -0.02 0.80
CA SER A 94 -9.22 -1.32 0.84
CA SER A 94 -9.17 -1.33 0.85
C SER A 94 -8.90 -2.12 -0.43
N ARG A 95 -9.02 -1.47 -1.57
CA ARG A 95 -8.77 -2.09 -2.86
C ARG A 95 -7.32 -2.51 -3.01
N TRP A 96 -6.40 -1.71 -2.48
CA TRP A 96 -4.98 -2.06 -2.51
C TRP A 96 -4.69 -3.39 -1.82
N ILE A 97 -5.41 -3.70 -0.75
CA ILE A 97 -5.20 -5.00 -0.10
C ILE A 97 -5.46 -6.14 -1.09
N LEU A 98 -6.56 -5.99 -1.83
CA LEU A 98 -6.96 -7.00 -2.82
C LEU A 98 -5.99 -7.00 -3.99
N ASP A 99 -5.57 -5.84 -4.45
CA ASP A 99 -4.62 -5.74 -5.57
C ASP A 99 -3.29 -6.43 -5.24
N THR A 100 -2.81 -6.21 -4.04
CA THR A 100 -1.57 -6.82 -3.58
C THR A 100 -1.62 -8.34 -3.64
N SER A 101 -2.76 -8.91 -3.30
CA SER A 101 -2.92 -10.36 -3.31
CA SER A 101 -2.89 -10.36 -3.32
C SER A 101 -3.25 -10.90 -4.71
N ASN A 102 -4.07 -10.15 -5.46
CA ASN A 102 -4.70 -10.56 -6.74
C ASN A 102 -3.89 -10.29 -7.99
N ARG A 103 -3.36 -9.08 -8.09
CA ARG A 103 -2.78 -8.58 -9.33
C ARG A 103 -1.45 -9.27 -9.66
N SER A 104 -1.24 -9.50 -10.94
CA SER A 104 0.10 -9.82 -11.43
C SER A 104 0.98 -8.58 -11.28
N TYR A 105 2.22 -8.77 -10.83
CA TYR A 105 3.12 -7.62 -10.68
C TYR A 105 3.83 -7.41 -12.01
N ASP A 106 3.13 -6.73 -12.91
CA ASP A 106 3.56 -6.48 -14.27
C ASP A 106 3.75 -4.98 -14.47
N GLN A 107 3.87 -4.51 -15.72
CA GLN A 107 4.11 -3.11 -15.93
C GLN A 107 2.95 -2.23 -15.47
N ALA A 108 1.71 -2.67 -15.68
CA ALA A 108 0.55 -1.88 -15.20
C ALA A 108 0.65 -1.70 -13.69
N TRP A 109 1.04 -2.76 -13.00
CA TRP A 109 1.21 -2.73 -11.55
C TRP A 109 2.27 -1.71 -11.17
N LEU A 110 3.41 -1.75 -11.86
CA LEU A 110 4.46 -0.78 -11.61
C LEU A 110 4.02 0.65 -11.87
N ASP A 111 3.22 0.85 -12.92
CA ASP A 111 2.74 2.18 -13.22
C ASP A 111 1.83 2.70 -12.11
N TYR A 112 1.07 1.82 -11.47
CA TYR A 112 0.25 2.24 -10.33
C TYR A 112 1.07 2.44 -9.07
N GLN A 113 2.17 1.70 -8.90
CA GLN A 113 3.10 1.91 -7.78
CA GLN A 113 3.03 1.94 -7.73
C GLN A 113 3.67 3.31 -7.84
N TYR A 114 4.06 3.72 -9.05
CA TYR A 114 4.55 5.05 -9.23
C TYR A 114 3.48 6.07 -8.81
N GLU A 115 2.25 5.87 -9.28
CA GLU A 115 1.14 6.73 -8.93
C GLU A 115 0.91 6.81 -7.40
N ILE A 116 0.93 5.67 -6.72
CA ILE A 116 0.72 5.68 -5.28
C ILE A 116 1.83 6.46 -4.55
N GLY A 117 3.08 6.26 -4.97
CA GLY A 117 4.15 7.06 -4.40
C GLY A 117 3.93 8.55 -4.62
N LEU A 118 3.56 8.93 -5.85
CA LEU A 118 3.28 10.33 -6.14
C LEU A 118 2.21 10.92 -5.25
N ARG A 119 1.22 10.11 -4.89
CA ARG A 119 0.08 10.58 -4.10
C ARG A 119 0.40 10.77 -2.63
N HIS A 120 1.41 10.05 -2.12
CA HIS A 120 1.90 10.30 -0.77
C HIS A 120 2.80 11.53 -0.72
N HIS A 121 3.56 11.70 -1.80
CA HIS A 121 4.51 12.80 -1.96
C HIS A 121 3.79 14.10 -2.30
N ARG A 122 4.46 15.22 -2.06
CA ARG A 122 3.85 16.50 -2.41
C ARG A 122 3.50 16.64 -3.88
N THR A 123 4.10 15.84 -4.77
CA THR A 123 3.79 15.95 -6.20
C THR A 123 2.30 15.83 -6.48
N LYS A 124 1.64 14.83 -5.88
CA LYS A 124 0.22 14.63 -6.13
C LYS A 124 -0.66 14.52 -4.88
N LYS A 125 -0.10 14.60 -3.69
CA LYS A 125 -0.96 14.50 -2.51
C LYS A 125 -2.07 15.56 -2.59
N ASN A 126 -3.28 15.15 -2.17
CA ASN A 126 -4.49 16.01 -2.05
C ASN A 126 -5.15 16.34 -3.38
N GLN A 127 -4.58 15.90 -4.48
CA GLN A 127 -5.18 16.20 -5.78
C GLN A 127 -6.25 15.23 -6.17
N THR A 128 -6.09 13.96 -5.80
CA THR A 128 -7.01 12.94 -6.27
C THR A 128 -8.41 13.24 -5.74
N ASP A 129 -8.50 13.67 -4.49
CA ASP A 129 -9.79 13.92 -3.85
C ASP A 129 -10.14 15.41 -3.80
N ASN A 130 -9.26 16.24 -4.38
CA ASN A 130 -9.46 17.68 -4.41
C ASN A 130 -9.71 18.26 -3.03
N VAL A 131 -8.81 17.96 -2.11
CA VAL A 131 -8.93 18.41 -0.74
C VAL A 131 -7.81 19.37 -0.39
N GLU A 132 -8.04 20.14 0.68
CA GLU A 132 -6.98 20.94 1.28
C GLU A 132 -6.47 20.26 2.54
N SER A 133 -5.22 19.83 2.51
CA SER A 133 -4.64 19.12 3.63
C SER A 133 -3.14 19.38 3.60
N VAL A 134 -2.39 18.65 4.40
CA VAL A 134 -0.97 18.91 4.53
C VAL A 134 -0.27 18.52 3.21
N PRO A 135 0.82 19.22 2.86
CA PRO A 135 1.38 19.04 1.51
C PRO A 135 2.10 17.72 1.24
N ASN A 136 2.67 17.08 2.25
CA ASN A 136 3.58 15.94 2.00
C ASN A 136 3.50 14.96 3.15
N ILE A 137 3.64 13.68 2.86
CA ILE A 137 3.80 12.71 3.94
C ILE A 137 5.29 12.38 4.03
N GLY A 138 5.94 12.77 5.13
CA GLY A 138 7.40 12.55 5.26
C GLY A 138 7.76 11.11 5.01
N TYR A 139 8.79 10.88 4.19
CA TYR A 139 9.10 9.52 3.76
C TYR A 139 9.43 8.59 4.93
N ARG A 140 10.02 9.15 5.99
CA ARG A 140 10.38 8.33 7.15
C ARG A 140 9.20 7.48 7.64
N TYR A 141 7.99 8.02 7.53
CA TYR A 141 6.81 7.32 8.03
C TYR A 141 6.32 6.22 7.11
N LEU A 142 6.55 6.36 5.81
CA LEU A 142 6.22 5.26 4.90
C LEU A 142 7.02 4.02 5.22
N VAL A 143 8.33 4.20 5.46
CA VAL A 143 9.17 3.07 5.84
C VAL A 143 8.73 2.52 7.18
N ALA A 144 8.56 3.40 8.16
CA ALA A 144 8.13 2.95 9.48
C ALA A 144 6.87 2.08 9.41
N PHE A 145 5.94 2.48 8.53
CA PHE A 145 4.67 1.77 8.44
C PHE A 145 4.78 0.34 7.89
N ILE A 146 5.92 -0.03 7.33
CA ILE A 146 6.08 -1.41 6.94
C ILE A 146 5.77 -2.33 8.12
N TYR A 147 6.20 -1.95 9.32
CA TYR A 147 5.94 -2.81 10.47
C TYR A 147 4.45 -2.96 10.80
N PRO A 148 3.74 -1.85 11.12
CA PRO A 148 2.33 -2.06 11.44
C PRO A 148 1.51 -2.65 10.30
N ILE A 149 1.75 -2.26 9.05
CA ILE A 149 0.99 -2.82 7.94
C ILE A 149 1.24 -4.32 7.78
N THR A 150 2.45 -4.77 8.10
CA THR A 150 2.79 -6.18 7.98
C THR A 150 2.20 -6.92 9.18
N ALA A 151 2.59 -6.49 10.37
CA ALA A 151 2.33 -7.26 11.57
C ALA A 151 0.84 -7.37 11.91
N THR A 152 0.08 -6.30 11.73
CA THR A 152 -1.35 -6.31 12.07
C THR A 152 -2.20 -7.15 11.10
N MET A 153 -1.62 -7.53 9.96
CA MET A 153 -2.28 -8.38 9.01
C MET A 153 -2.34 -9.83 9.50
N LYS A 154 -1.37 -10.25 10.30
CA LYS A 154 -1.25 -11.66 10.68
C LYS A 154 -2.52 -12.25 11.34
N PRO A 155 -3.13 -11.55 12.32
CA PRO A 155 -4.38 -12.11 12.89
C PRO A 155 -5.50 -12.36 11.88
N PHE A 156 -5.61 -11.51 10.86
CA PHE A 156 -6.61 -11.69 9.80
C PHE A 156 -6.32 -12.89 8.90
N LEU A 157 -5.03 -13.16 8.65
CA LEU A 157 -4.64 -14.31 7.84
C LEU A 157 -4.92 -15.62 8.58
N ALA A 158 -4.82 -15.57 9.91
CA ALA A 158 -4.96 -16.74 10.77
C ALA A 158 -6.39 -17.18 11.04
N ARG A 159 -7.38 -16.40 10.61
CA ARG A 159 -8.77 -16.67 10.99
C ARG A 159 -9.57 -17.65 10.10
N LYS A 160 -9.23 -17.76 8.82
CA LYS A 160 -10.09 -18.48 7.86
C LYS A 160 -9.96 -20.02 7.85
N GLY A 161 -9.41 -20.58 8.92
CA GLY A 161 -9.34 -22.04 9.08
C GLY A 161 -8.39 -22.76 8.13
N HIS A 162 -7.36 -22.05 7.66
CA HIS A 162 -6.28 -22.69 6.90
C HIS A 162 -5.18 -23.12 7.86
N THR A 163 -4.26 -23.97 7.42
CA THR A 163 -3.21 -24.48 8.30
C THR A 163 -2.31 -23.34 8.77
N PRO A 164 -1.76 -23.44 10.00
CA PRO A 164 -0.78 -22.45 10.46
C PRO A 164 0.44 -22.32 9.54
N GLU A 165 0.85 -23.42 8.92
CA GLU A 165 1.95 -23.42 7.96
C GLU A 165 1.63 -22.55 6.74
N GLU A 166 0.42 -22.69 6.19
CA GLU A 166 -0.03 -21.84 5.10
C GLU A 166 -0.15 -20.39 5.54
N VAL A 167 -0.66 -20.16 6.75
CA VAL A 167 -0.76 -18.80 7.29
C VAL A 167 0.62 -18.16 7.34
N GLU A 168 1.63 -18.88 7.82
CA GLU A 168 2.98 -18.31 7.92
C GLU A 168 3.54 -17.93 6.54
N LYS A 169 3.28 -18.76 5.54
CA LYS A 169 3.73 -18.50 4.19
C LYS A 169 3.01 -17.28 3.59
N MET A 170 1.72 -17.19 3.85
CA MET A 170 0.96 -16.01 3.43
C MET A 170 1.50 -14.73 4.09
N TYR A 171 1.80 -14.84 5.38
CA TYR A 171 2.31 -13.72 6.13
C TYR A 171 3.68 -13.24 5.64
N GLN A 172 4.60 -14.17 5.39
CA GLN A 172 5.91 -13.80 4.87
C GLN A 172 5.79 -13.17 3.49
N ALA A 173 4.86 -13.69 2.68
CA ALA A 173 4.63 -13.08 1.38
C ALA A 173 4.12 -11.64 1.50
N TRP A 174 3.21 -11.41 2.45
CA TRP A 174 2.68 -10.08 2.71
C TRP A 174 3.79 -9.10 3.18
N PHE A 175 4.66 -9.56 4.09
CA PHE A 175 5.80 -8.76 4.54
C PHE A 175 6.67 -8.37 3.34
N LYS A 176 7.05 -9.35 2.52
CA LYS A 176 7.86 -9.03 1.34
C LYS A 176 7.16 -8.06 0.40
N ALA A 177 5.87 -8.28 0.15
CA ALA A 177 5.16 -7.41 -0.81
C ALA A 177 5.02 -5.99 -0.31
N THR A 178 4.82 -5.83 1.00
CA THR A 178 4.68 -4.51 1.58
C THR A 178 6.03 -3.77 1.45
N THR A 179 7.11 -4.48 1.79
CA THR A 179 8.45 -3.91 1.68
C THR A 179 8.80 -3.50 0.26
N LEU A 180 8.50 -4.39 -0.68
CA LEU A 180 8.74 -4.13 -2.08
C LEU A 180 8.07 -2.84 -2.54
N GLN A 181 6.82 -2.69 -2.16
CA GLN A 181 6.05 -1.53 -2.58
C GLN A 181 6.57 -0.23 -2.00
N VAL A 182 6.84 -0.22 -0.70
CA VAL A 182 7.37 0.99 -0.07
C VAL A 182 8.72 1.38 -0.71
N ALA A 183 9.54 0.39 -1.07
CA ALA A 183 10.78 0.66 -1.77
C ALA A 183 10.52 1.43 -3.08
N LEU A 184 9.55 0.97 -3.86
CA LEU A 184 9.17 1.67 -5.08
C LEU A 184 8.63 3.07 -4.83
N TRP A 185 7.87 3.24 -3.75
CA TRP A 185 7.24 4.54 -3.49
C TRP A 185 8.25 5.60 -3.08
N SER A 186 9.48 5.20 -2.80
CA SER A 186 10.54 6.19 -2.53
C SER A 186 10.89 7.02 -3.75
N TYR A 187 10.56 6.54 -4.96
CA TYR A 187 11.05 7.21 -6.16
C TYR A 187 10.83 8.74 -6.19
N PRO A 188 9.59 9.24 -5.97
CA PRO A 188 9.42 10.70 -6.04
C PRO A 188 10.06 11.47 -4.87
N TYR A 189 10.38 10.76 -3.78
CA TYR A 189 11.02 11.39 -2.65
C TYR A 189 12.52 11.52 -2.80
N VAL A 190 13.13 10.62 -3.55
CA VAL A 190 14.58 10.48 -3.58
C VAL A 190 15.18 11.40 -4.64
N LYS A 191 16.30 12.02 -4.28
CA LYS A 191 17.03 12.88 -5.20
C LYS A 191 17.29 12.13 -6.52
N TYR A 192 17.13 12.83 -7.62
CA TYR A 192 17.25 12.20 -8.94
C TYR A 192 18.60 11.51 -9.08
N GLY A 193 18.58 10.24 -9.47
CA GLY A 193 19.77 9.44 -9.63
C GLY A 193 20.22 8.67 -8.40
N ASP A 194 19.55 8.83 -7.27
CA ASP A 194 19.96 8.17 -6.02
C ASP A 194 19.07 7.00 -5.62
N PHE A 195 18.06 6.72 -6.43
CA PHE A 195 17.07 5.68 -6.19
C PHE A 195 17.53 4.31 -6.66
CHA HEM B . -3.07 6.85 0.43
CHB HEM B . -1.16 2.52 1.55
CHC HEM B . 1.91 4.89 4.41
CHD HEM B . -1.44 8.33 4.75
C1A HEM B . -2.81 5.48 0.40
C2A HEM B . -3.35 4.50 -0.51
C3A HEM B . -2.81 3.31 -0.18
C4A HEM B . -1.91 3.51 0.94
CMA HEM B . -3.04 1.96 -0.83
CAA HEM B . -4.35 4.79 -1.64
CBA HEM B . -3.61 4.81 -2.98
CGA HEM B . -4.51 5.17 -4.13
O1A HEM B . -4.97 4.25 -4.88
O2A HEM B . -4.80 6.38 -4.30
C1B HEM B . -0.11 2.79 2.41
C2B HEM B . 0.88 1.82 2.83
C3B HEM B . 1.76 2.49 3.60
C4B HEM B . 1.32 3.86 3.69
CMB HEM B . 0.93 0.35 2.42
CAB HEM B . 3.05 1.97 4.25
CBB HEM B . 3.42 0.71 4.35
C1C HEM B . 1.21 5.99 4.85
C2C HEM B . 1.54 6.79 6.01
C3C HEM B . 0.57 7.70 6.12
C4C HEM B . -0.36 7.54 5.04
CMC HEM B . 2.77 6.59 6.94
CAC HEM B . 0.43 8.75 7.20
CBC HEM B . -0.76 8.78 7.84
CBC HEM B . 1.31 8.86 8.20
C1D HEM B . -2.04 8.33 3.51
C2D HEM B . -2.78 9.44 2.96
C3D HEM B . -3.23 9.01 1.63
C4D HEM B . -2.78 7.67 1.50
CMD HEM B . -2.98 10.81 3.57
CAD HEM B . -3.94 9.86 0.59
CBD HEM B . -2.86 10.52 -0.30
CGD HEM B . -3.52 11.38 -1.36
O1D HEM B . -3.82 12.57 -1.09
O2D HEM B . -3.76 10.89 -2.50
NA HEM B . -1.95 4.84 1.27
NB HEM B . 0.16 4.01 2.96
NC HEM B . 0.05 6.47 4.28
ND HEM B . -2.06 7.28 2.62
FE HEM B . -0.84 5.69 2.69
P PO4 C . -1.01 2.26 -17.14
O1 PO4 C . -1.30 0.75 -16.99
O2 PO4 C . -1.92 2.82 -18.23
O3 PO4 C . -1.31 2.89 -15.80
O4 PO4 C . 0.42 2.42 -17.56
P PO4 D . 4.31 18.32 6.07
O1 PO4 D . 3.79 19.47 6.89
O2 PO4 D . 5.42 18.76 5.13
O3 PO4 D . 4.87 17.24 6.96
O4 PO4 D . 3.17 17.73 5.29
C1 GOL E . 13.04 13.21 -10.97
O1 GOL E . 12.30 13.87 -11.96
C2 GOL E . 12.24 13.13 -9.69
O2 GOL E . 11.93 14.43 -9.22
C3 GOL E . 13.07 12.39 -8.65
O3 GOL E . 12.24 11.97 -7.59
O1 OXY F . -2.23 4.93 4.27
O2 OXY F . -3.42 5.11 4.13
#